data_1NDD
#
_entry.id   1NDD
#
_cell.length_a   45.804
_cell.length_b   64.972
_cell.length_c   48.573
_cell.angle_alpha   90.00
_cell.angle_beta   96.66
_cell.angle_gamma   90.00
#
_symmetry.space_group_name_H-M   'P 1 21 1'
#
loop_
_entity.id
_entity.type
_entity.pdbx_description
1 polymer 'PROTEIN (UBIQUITIN-LIKE PROTEIN NEDD8)'
2 non-polymer 'CHLORIDE ION'
3 non-polymer 'SULFATE ION'
4 water water
#
_entity_poly.entity_id   1
_entity_poly.type   'polypeptide(L)'
_entity_poly.pdbx_seq_one_letter_code
;MLIKVKTLTGKEIEIDIEPTDKVERIKERVEEKEGIPPQQQRLIYSGKQMNDEKTAADYKILGGSVLHLVLALRGG
;
_entity_poly.pdbx_strand_id   A,B,C,D
#
loop_
_chem_comp.id
_chem_comp.type
_chem_comp.name
_chem_comp.formula
CL non-polymer 'CHLORIDE ION' 'Cl -1'
SO4 non-polymer 'SULFATE ION' 'O4 S -2'
#
# COMPACT_ATOMS: atom_id res chain seq x y z
N MET A 1 -4.68 27.81 -9.44
CA MET A 1 -5.10 26.50 -10.01
C MET A 1 -5.10 25.47 -8.89
N LEU A 2 -6.28 24.90 -8.61
CA LEU A 2 -6.42 23.91 -7.55
C LEU A 2 -6.29 22.49 -8.06
N ILE A 3 -5.26 21.79 -7.56
CA ILE A 3 -5.00 20.41 -7.93
C ILE A 3 -5.08 19.50 -6.70
N LYS A 4 -5.16 18.20 -6.95
CA LYS A 4 -5.21 17.20 -5.90
C LYS A 4 -3.93 16.38 -5.89
N VAL A 5 -3.43 16.09 -4.71
CA VAL A 5 -2.25 15.25 -4.54
C VAL A 5 -2.78 14.07 -3.72
N LYS A 6 -2.85 12.91 -4.35
CA LYS A 6 -3.37 11.72 -3.70
C LYS A 6 -2.31 10.72 -3.29
N THR A 7 -2.55 10.00 -2.19
CA THR A 7 -1.61 9.00 -1.69
C THR A 7 -2.27 7.62 -1.80
N LEU A 8 -1.46 6.56 -1.70
CA LEU A 8 -1.98 5.22 -1.81
C LEU A 8 -3.06 4.86 -0.78
N THR A 9 -2.92 5.34 0.45
CA THR A 9 -3.89 5.03 1.49
C THR A 9 -5.21 5.80 1.37
N GLY A 10 -5.36 6.57 0.29
CA GLY A 10 -6.60 7.30 0.05
C GLY A 10 -6.72 8.79 0.36
N LYS A 11 -5.92 9.31 1.30
CA LYS A 11 -6.01 10.72 1.64
C LYS A 11 -5.54 11.66 0.53
N GLU A 12 -6.31 12.73 0.31
CA GLU A 12 -6.01 13.73 -0.71
C GLU A 12 -5.80 15.09 -0.07
N ILE A 13 -5.07 15.95 -0.75
CA ILE A 13 -4.83 17.31 -0.28
C ILE A 13 -4.91 18.24 -1.49
N GLU A 14 -5.53 19.40 -1.29
CA GLU A 14 -5.66 20.39 -2.35
C GLU A 14 -4.45 21.30 -2.29
N ILE A 15 -3.85 21.51 -3.46
CA ILE A 15 -2.67 22.36 -3.57
C ILE A 15 -2.98 23.41 -4.63
N ASP A 16 -2.68 24.67 -4.32
CA ASP A 16 -2.90 25.75 -5.26
C ASP A 16 -1.57 26.04 -5.93
N ILE A 17 -1.54 25.97 -7.27
CA ILE A 17 -0.32 26.25 -8.03
C ILE A 17 -0.64 27.02 -9.30
N GLU A 18 0.41 27.38 -10.03
CA GLU A 18 0.29 28.13 -11.28
C GLU A 18 1.05 27.37 -12.36
N PRO A 19 0.69 27.56 -13.63
CA PRO A 19 1.37 26.88 -14.73
C PRO A 19 2.89 27.10 -14.74
N THR A 20 3.35 28.29 -14.33
CA THR A 20 4.77 28.58 -14.31
C THR A 20 5.52 28.09 -13.05
N ASP A 21 4.78 27.56 -12.08
CA ASP A 21 5.41 27.05 -10.86
C ASP A 21 6.21 25.81 -11.17
N LYS A 22 7.39 25.69 -10.57
CA LYS A 22 8.21 24.51 -10.78
C LYS A 22 7.69 23.40 -9.86
N VAL A 23 7.94 22.15 -10.26
CA VAL A 23 7.50 20.99 -9.49
C VAL A 23 8.02 21.07 -8.06
N GLU A 24 9.21 21.68 -7.91
CA GLU A 24 9.80 21.85 -6.60
C GLU A 24 8.88 22.67 -5.69
N ARG A 25 8.18 23.64 -6.26
CA ARG A 25 7.26 24.47 -5.48
C ARG A 25 6.04 23.67 -5.04
N ILE A 26 5.58 22.75 -5.89
CA ILE A 26 4.45 21.91 -5.54
C ILE A 26 4.83 21.09 -4.30
N LYS A 27 6.04 20.53 -4.33
CA LYS A 27 6.54 19.74 -3.19
C LYS A 27 6.67 20.61 -1.94
N GLU A 28 7.05 21.88 -2.13
CA GLU A 28 7.16 22.80 -1.01
C GLU A 28 5.80 23.10 -0.39
N ARG A 29 4.75 23.11 -1.22
CA ARG A 29 3.38 23.35 -0.75
C ARG A 29 2.92 22.14 0.07
N VAL A 30 3.28 20.94 -0.40
CA VAL A 30 2.95 19.70 0.31
C VAL A 30 3.66 19.72 1.67
N GLU A 31 4.91 20.18 1.67
CA GLU A 31 5.71 20.28 2.90
C GLU A 31 5.07 21.27 3.88
N GLU A 32 4.49 22.35 3.37
CA GLU A 32 3.85 23.34 4.22
C GLU A 32 2.70 22.77 5.00
N LYS A 33 1.91 21.90 4.36
CA LYS A 33 0.76 21.31 5.04
C LYS A 33 0.95 19.92 5.62
N GLU A 34 1.95 19.19 5.16
CA GLU A 34 2.20 17.83 5.65
C GLU A 34 3.52 17.59 6.34
N GLY A 35 4.47 18.51 6.16
CA GLY A 35 5.77 18.36 6.80
C GLY A 35 6.72 17.34 6.16
N ILE A 36 6.39 16.86 4.96
CA ILE A 36 7.24 15.89 4.26
C ILE A 36 8.26 16.68 3.46
N PRO A 37 9.57 16.45 3.68
CA PRO A 37 10.58 17.19 2.92
C PRO A 37 10.49 16.87 1.43
N PRO A 38 10.69 17.88 0.57
CA PRO A 38 10.64 17.67 -0.88
C PRO A 38 11.52 16.50 -1.36
N GLN A 39 12.67 16.33 -0.73
CA GLN A 39 13.59 15.26 -1.10
C GLN A 39 13.04 13.85 -0.88
N GLN A 40 12.08 13.72 0.04
CA GLN A 40 11.44 12.45 0.34
C GLN A 40 10.16 12.24 -0.46
N GLN A 41 9.79 13.24 -1.25
CA GLN A 41 8.58 13.17 -2.07
C GLN A 41 8.84 12.79 -3.51
N ARG A 42 7.96 11.99 -4.06
CA ARG A 42 8.02 11.59 -5.46
C ARG A 42 6.62 11.85 -5.98
N LEU A 43 6.51 12.78 -6.92
CA LEU A 43 5.23 13.13 -7.51
C LEU A 43 5.14 12.48 -8.89
N ILE A 44 4.00 11.84 -9.14
CA ILE A 44 3.76 11.14 -10.39
C ILE A 44 2.52 11.68 -11.07
N TYR A 45 2.61 11.93 -12.38
CA TYR A 45 1.46 12.41 -13.13
C TYR A 45 1.39 11.61 -14.43
N SER A 46 0.24 11.00 -14.69
CA SER A 46 0.03 10.19 -15.89
C SER A 46 1.15 9.16 -16.07
N GLY A 47 1.51 8.50 -14.96
CA GLY A 47 2.55 7.48 -15.00
C GLY A 47 3.98 7.97 -15.15
N LYS A 48 4.19 9.27 -15.04
CA LYS A 48 5.54 9.83 -15.18
C LYS A 48 6.00 10.52 -13.90
N GLN A 49 7.23 10.22 -13.49
CA GLN A 49 7.81 10.84 -12.30
C GLN A 49 8.10 12.30 -12.67
N MET A 50 7.57 13.22 -11.88
CA MET A 50 7.75 14.64 -12.15
C MET A 50 9.12 15.19 -11.73
N ASN A 51 9.77 15.85 -12.69
CA ASN A 51 11.09 16.47 -12.52
C ASN A 51 10.99 17.77 -11.72
N ASP A 52 11.79 17.89 -10.66
CA ASP A 52 11.80 19.07 -9.79
C ASP A 52 12.03 20.40 -10.53
N GLU A 53 12.92 20.36 -11.52
CA GLU A 53 13.27 21.55 -12.30
C GLU A 53 12.21 22.01 -13.30
N LYS A 54 11.33 21.10 -13.70
CA LYS A 54 10.28 21.42 -14.67
C LYS A 54 9.11 22.18 -14.04
N THR A 55 8.22 22.69 -14.87
CA THR A 55 7.06 23.43 -14.40
C THR A 55 5.78 22.64 -14.59
N ALA A 56 4.71 23.08 -13.93
CA ALA A 56 3.41 22.42 -14.02
C ALA A 56 2.94 22.38 -15.47
N ALA A 57 3.23 23.45 -16.20
CA ALA A 57 2.85 23.56 -17.61
C ALA A 57 3.46 22.46 -18.49
N ASP A 58 4.66 21.99 -18.13
CA ASP A 58 5.35 20.94 -18.89
C ASP A 58 4.60 19.61 -18.83
N TYR A 59 3.78 19.44 -17.80
CA TYR A 59 3.01 18.21 -17.66
C TYR A 59 1.55 18.46 -17.99
N LYS A 60 1.27 19.65 -18.53
CA LYS A 60 -0.07 20.06 -18.92
C LYS A 60 -1.06 19.85 -17.76
N ILE A 61 -0.70 20.35 -16.59
CA ILE A 61 -1.55 20.23 -15.41
C ILE A 61 -2.63 21.31 -15.43
N LEU A 62 -3.86 20.91 -15.15
CA LEU A 62 -4.99 21.83 -15.14
C LEU A 62 -5.72 21.77 -13.80
N GLY A 63 -6.77 22.58 -13.68
CA GLY A 63 -7.56 22.58 -12.46
C GLY A 63 -8.20 21.21 -12.35
N GLY A 64 -8.14 20.62 -11.16
CA GLY A 64 -8.72 19.30 -10.98
C GLY A 64 -7.74 18.16 -11.23
N SER A 65 -6.59 18.45 -11.84
CA SER A 65 -5.59 17.41 -12.12
C SER A 65 -5.18 16.68 -10.84
N VAL A 66 -5.02 15.37 -10.95
CA VAL A 66 -4.64 14.57 -9.81
C VAL A 66 -3.20 14.08 -9.96
N LEU A 67 -2.37 14.44 -8.99
CA LEU A 67 -0.99 14.00 -8.95
C LEU A 67 -0.94 12.94 -7.86
N HIS A 68 0.00 12.01 -7.97
CA HIS A 68 0.12 10.96 -6.98
C HIS A 68 1.43 11.12 -6.23
N LEU A 69 1.34 11.15 -4.90
CA LEU A 69 2.50 11.30 -4.04
C LEU A 69 2.88 9.99 -3.37
N VAL A 70 4.17 9.65 -3.43
CA VAL A 70 4.69 8.45 -2.79
C VAL A 70 6.04 8.81 -2.14
N LEU A 71 6.37 8.14 -1.05
CA LEU A 71 7.62 8.39 -0.36
C LEU A 71 8.78 7.74 -1.08
N ALA A 72 9.92 8.44 -1.07
CA ALA A 72 11.15 7.94 -1.68
C ALA A 72 12.26 8.20 -0.67
N LEU A 73 12.62 7.17 0.10
CA LEU A 73 13.67 7.29 1.09
C LEU A 73 14.99 7.60 0.41
N ARG A 74 15.83 8.39 1.07
CA ARG A 74 17.13 8.76 0.51
C ARG A 74 18.26 8.12 1.29
N MET B 1 -25.46 -9.50 12.80
CA MET B 1 -24.23 -8.93 13.42
C MET B 1 -23.38 -8.33 12.30
N LEU B 2 -23.42 -7.00 12.19
CA LEU B 2 -22.68 -6.30 11.15
C LEU B 2 -21.25 -5.91 11.55
N ILE B 3 -20.30 -6.41 10.77
CA ILE B 3 -18.89 -6.11 11.01
C ILE B 3 -18.36 -5.35 9.79
N LYS B 4 -17.20 -4.74 9.96
CA LYS B 4 -16.57 -3.99 8.87
C LYS B 4 -15.27 -4.67 8.49
N VAL B 5 -14.95 -4.64 7.21
CA VAL B 5 -13.70 -5.21 6.71
C VAL B 5 -13.00 -4.09 5.95
N LYS B 6 -11.84 -3.68 6.46
CA LYS B 6 -11.09 -2.57 5.88
C LYS B 6 -9.85 -2.97 5.08
N THR B 7 -9.59 -2.24 3.99
CA THR B 7 -8.44 -2.49 3.13
C THR B 7 -7.39 -1.37 3.20
N LEU B 8 -6.19 -1.68 2.72
CA LEU B 8 -5.06 -0.77 2.72
C LEU B 8 -5.36 0.58 2.04
N THR B 9 -6.04 0.54 0.90
CA THR B 9 -6.38 1.76 0.16
C THR B 9 -7.57 2.53 0.72
N GLY B 10 -8.01 2.18 1.94
CA GLY B 10 -9.11 2.89 2.56
C GLY B 10 -10.53 2.37 2.42
N LYS B 11 -10.79 1.55 1.40
CA LYS B 11 -12.14 1.02 1.20
C LYS B 11 -12.54 0.05 2.30
N GLU B 12 -13.79 0.18 2.72
CA GLU B 12 -14.31 -0.64 3.80
C GLU B 12 -15.66 -1.20 3.37
N ILE B 13 -15.92 -2.46 3.71
CA ILE B 13 -17.22 -3.07 3.37
C ILE B 13 -17.86 -3.60 4.64
N GLU B 14 -19.18 -3.81 4.56
CA GLU B 14 -19.96 -4.30 5.69
C GLU B 14 -20.35 -5.74 5.40
N ILE B 15 -20.16 -6.60 6.39
CA ILE B 15 -20.46 -8.02 6.29
C ILE B 15 -21.36 -8.43 7.47
N ASP B 16 -22.36 -9.25 7.20
CA ASP B 16 -23.27 -9.73 8.24
C ASP B 16 -22.90 -11.17 8.57
N ILE B 17 -22.44 -11.41 9.79
CA ILE B 17 -22.06 -12.76 10.21
C ILE B 17 -22.64 -13.08 11.57
N GLU B 18 -22.44 -14.31 12.01
CA GLU B 18 -22.93 -14.78 13.30
C GLU B 18 -21.71 -15.21 14.12
N PRO B 19 -21.81 -15.16 15.46
CA PRO B 19 -20.69 -15.56 16.32
C PRO B 19 -20.27 -17.00 16.06
N THR B 20 -21.20 -17.83 15.61
CA THR B 20 -20.94 -19.23 15.32
C THR B 20 -20.19 -19.46 14.01
N ASP B 21 -20.17 -18.44 13.16
CA ASP B 21 -19.49 -18.52 11.88
C ASP B 21 -17.99 -18.68 12.00
N LYS B 22 -17.43 -19.57 11.20
CA LYS B 22 -15.99 -19.77 11.20
C LYS B 22 -15.37 -18.64 10.38
N VAL B 23 -14.10 -18.37 10.60
CA VAL B 23 -13.39 -17.32 9.87
C VAL B 23 -13.48 -17.57 8.36
N GLU B 24 -13.44 -18.83 7.96
CA GLU B 24 -13.54 -19.19 6.55
C GLU B 24 -14.87 -18.69 5.96
N ARG B 25 -15.90 -18.67 6.80
CA ARG B 25 -17.23 -18.20 6.40
C ARG B 25 -17.20 -16.68 6.18
N ILE B 26 -16.46 -15.97 7.02
CA ILE B 26 -16.31 -14.53 6.88
C ILE B 26 -15.63 -14.27 5.53
N LYS B 27 -14.61 -15.07 5.22
CA LYS B 27 -13.89 -14.93 3.96
C LYS B 27 -14.81 -15.23 2.77
N GLU B 28 -15.72 -16.20 2.94
CA GLU B 28 -16.68 -16.53 1.89
C GLU B 28 -17.61 -15.34 1.65
N ARG B 29 -18.01 -14.65 2.72
CA ARG B 29 -18.87 -13.48 2.61
C ARG B 29 -18.12 -12.38 1.84
N VAL B 30 -16.82 -12.25 2.12
CA VAL B 30 -15.99 -11.27 1.44
C VAL B 30 -15.93 -11.62 -0.05
N GLU B 31 -15.79 -12.91 -0.35
CA GLU B 31 -15.72 -13.38 -1.74
C GLU B 31 -17.00 -13.04 -2.49
N GLU B 32 -18.14 -13.22 -1.84
CA GLU B 32 -19.42 -12.93 -2.46
C GLU B 32 -19.59 -11.45 -2.82
N LYS B 33 -19.00 -10.58 -1.99
CA LYS B 33 -19.10 -9.15 -2.25
C LYS B 33 -17.99 -8.58 -3.13
N GLU B 34 -16.79 -9.17 -3.08
CA GLU B 34 -15.65 -8.66 -3.83
C GLU B 34 -14.96 -9.57 -4.84
N GLY B 35 -15.31 -10.85 -4.88
CA GLY B 35 -14.69 -11.77 -5.81
C GLY B 35 -13.29 -12.25 -5.46
N ILE B 36 -12.83 -12.01 -4.23
CA ILE B 36 -11.51 -12.44 -3.79
C ILE B 36 -11.66 -13.83 -3.15
N PRO B 37 -11.00 -14.86 -3.71
CA PRO B 37 -11.13 -16.19 -3.11
C PRO B 37 -10.52 -16.24 -1.70
N PRO B 38 -11.16 -17.00 -0.79
CA PRO B 38 -10.69 -17.11 0.60
C PRO B 38 -9.20 -17.45 0.72
N GLN B 39 -8.70 -18.30 -0.18
CA GLN B 39 -7.30 -18.72 -0.18
C GLN B 39 -6.34 -17.54 -0.29
N GLN B 40 -6.79 -16.47 -0.93
CA GLN B 40 -5.97 -15.28 -1.14
C GLN B 40 -6.19 -14.18 -0.11
N GLN B 41 -7.06 -14.44 0.86
CA GLN B 41 -7.37 -13.45 1.88
C GLN B 41 -6.68 -13.71 3.21
N ARG B 42 -6.21 -12.63 3.82
CA ARG B 42 -5.64 -12.72 5.16
C ARG B 42 -6.44 -11.72 5.97
N LEU B 43 -7.11 -12.21 7.01
CA LEU B 43 -7.90 -11.36 7.88
C LEU B 43 -7.16 -11.17 9.20
N ILE B 44 -7.12 -9.92 9.65
CA ILE B 44 -6.42 -9.55 10.86
C ILE B 44 -7.38 -8.80 11.79
N TYR B 45 -7.34 -9.15 13.07
CA TYR B 45 -8.18 -8.50 14.06
C TYR B 45 -7.38 -8.27 15.33
N SER B 46 -7.39 -7.03 15.82
CA SER B 46 -6.65 -6.64 17.02
C SER B 46 -5.18 -7.06 16.95
N GLY B 47 -4.58 -6.88 15.78
CA GLY B 47 -3.19 -7.23 15.56
C GLY B 47 -2.89 -8.71 15.43
N LYS B 48 -3.93 -9.53 15.29
CA LYS B 48 -3.73 -10.97 15.19
C LYS B 48 -4.29 -11.56 13.91
N GLN B 49 -3.49 -12.38 13.24
CA GLN B 49 -3.90 -13.05 12.01
C GLN B 49 -4.92 -14.14 12.38
N MET B 50 -6.09 -14.09 11.74
CA MET B 50 -7.17 -15.03 12.02
C MET B 50 -7.10 -16.39 11.32
N ASN B 51 -7.28 -17.44 12.10
CA ASN B 51 -7.25 -18.83 11.64
C ASN B 51 -8.61 -19.22 11.04
N ASP B 52 -8.59 -19.76 9.82
CA ASP B 52 -9.81 -20.15 9.12
C ASP B 52 -10.72 -21.13 9.83
N GLU B 53 -10.15 -22.01 10.65
CA GLU B 53 -10.94 -23.02 11.35
C GLU B 53 -11.52 -22.57 12.69
N LYS B 54 -11.11 -21.41 13.17
CA LYS B 54 -11.65 -20.86 14.41
C LYS B 54 -12.88 -20.02 14.05
N THR B 55 -13.67 -19.62 15.05
CA THR B 55 -14.88 -18.83 14.80
C THR B 55 -14.79 -17.37 15.18
N ALA B 56 -15.79 -16.61 14.77
CA ALA B 56 -15.88 -15.19 15.08
C ALA B 56 -15.93 -15.05 16.60
N ALA B 57 -16.69 -15.95 17.24
CA ALA B 57 -16.82 -15.98 18.70
C ALA B 57 -15.46 -16.16 19.38
N ASP B 58 -14.63 -17.02 18.79
CA ASP B 58 -13.28 -17.27 19.33
C ASP B 58 -12.43 -16.02 19.43
N TYR B 59 -12.54 -15.15 18.43
CA TYR B 59 -11.78 -13.91 18.39
C TYR B 59 -12.57 -12.72 18.95
N LYS B 60 -13.76 -12.99 19.46
CA LYS B 60 -14.64 -11.96 20.02
C LYS B 60 -14.99 -10.90 18.97
N ILE B 61 -15.23 -11.37 17.75
CA ILE B 61 -15.60 -10.52 16.64
C ILE B 61 -17.11 -10.39 16.70
N LEU B 62 -17.57 -9.24 17.18
CA LEU B 62 -18.99 -8.98 17.31
C LEU B 62 -19.40 -7.73 16.54
N GLY B 63 -20.68 -7.37 16.63
CA GLY B 63 -21.17 -6.19 15.94
C GLY B 63 -20.31 -4.96 16.15
N GLY B 64 -19.95 -4.30 15.07
CA GLY B 64 -19.11 -3.11 15.17
C GLY B 64 -17.63 -3.40 15.08
N SER B 65 -17.24 -4.67 15.08
CA SER B 65 -15.82 -5.04 14.99
C SER B 65 -15.29 -4.68 13.60
N VAL B 66 -14.03 -4.26 13.54
CA VAL B 66 -13.38 -3.89 12.29
C VAL B 66 -12.23 -4.85 12.03
N LEU B 67 -12.33 -5.60 10.94
CA LEU B 67 -11.28 -6.54 10.56
C LEU B 67 -10.48 -5.89 9.43
N HIS B 68 -9.21 -6.28 9.31
CA HIS B 68 -8.38 -5.74 8.26
C HIS B 68 -8.06 -6.84 7.26
N LEU B 69 -8.32 -6.55 5.99
CA LEU B 69 -8.09 -7.49 4.92
C LEU B 69 -6.88 -7.11 4.07
N VAL B 70 -6.01 -8.08 3.83
CA VAL B 70 -4.83 -7.90 2.99
C VAL B 70 -4.66 -9.18 2.19
N LEU B 71 -4.16 -9.05 0.97
CA LEU B 71 -3.93 -10.21 0.12
C LEU B 71 -2.74 -11.01 0.61
N ALA B 72 -2.86 -12.34 0.51
CA ALA B 72 -1.80 -13.25 0.91
C ALA B 72 -1.95 -14.46 -0.01
N LEU B 73 -1.23 -14.42 -1.14
CA LEU B 73 -1.28 -15.47 -2.14
C LEU B 73 -0.91 -16.85 -1.60
N ARG B 74 -1.86 -17.78 -1.65
CA ARG B 74 -1.64 -19.14 -1.17
C ARG B 74 -0.54 -19.78 -2.03
N GLY B 75 0.54 -20.20 -1.38
CA GLY B 75 1.65 -20.82 -2.10
C GLY B 75 2.65 -19.81 -2.62
N GLY B 76 2.49 -18.55 -2.20
CA GLY B 76 3.40 -17.50 -2.64
C GLY B 76 4.58 -17.26 -1.69
N MET C 1 10.06 -11.71 -20.73
CA MET C 1 10.56 -10.95 -19.55
C MET C 1 9.86 -11.44 -18.28
N LEU C 2 10.64 -11.91 -17.32
CA LEU C 2 10.02 -12.38 -16.09
C LEU C 2 9.97 -11.30 -15.02
N ILE C 3 8.80 -11.18 -14.41
CA ILE C 3 8.57 -10.20 -13.35
C ILE C 3 7.97 -10.90 -12.15
N LYS C 4 7.95 -10.21 -11.03
CA LYS C 4 7.39 -10.75 -9.80
C LYS C 4 6.24 -9.86 -9.36
N VAL C 5 5.13 -10.48 -8.95
CA VAL C 5 3.97 -9.76 -8.45
C VAL C 5 3.96 -10.15 -6.98
N LYS C 6 4.13 -9.16 -6.11
CA LYS C 6 4.24 -9.39 -4.67
C LYS C 6 3.25 -8.58 -3.83
N THR C 7 2.61 -9.24 -2.87
CA THR C 7 1.66 -8.57 -1.98
C THR C 7 2.42 -7.92 -0.83
N LEU C 8 1.74 -7.07 -0.06
CA LEU C 8 2.39 -6.42 1.08
C LEU C 8 2.73 -7.41 2.19
N THR C 9 2.15 -8.60 2.11
CA THR C 9 2.43 -9.67 3.07
C THR C 9 3.66 -10.47 2.64
N GLY C 10 4.27 -10.07 1.51
CA GLY C 10 5.45 -10.74 1.02
C GLY C 10 5.24 -11.97 0.17
N LYS C 11 3.99 -12.25 -0.18
CA LYS C 11 3.68 -13.41 -1.01
C LYS C 11 3.83 -13.02 -2.47
N GLU C 12 4.53 -13.85 -3.25
CA GLU C 12 4.75 -13.51 -4.64
C GLU C 12 4.67 -14.64 -5.64
N ILE C 13 4.47 -14.27 -6.90
CA ILE C 13 4.43 -15.21 -7.99
C ILE C 13 5.20 -14.61 -9.16
N GLU C 14 5.88 -15.48 -9.90
CA GLU C 14 6.65 -15.06 -11.07
C GLU C 14 5.72 -15.18 -12.27
N ILE C 15 5.82 -14.21 -13.17
CA ILE C 15 5.01 -14.19 -14.39
C ILE C 15 5.93 -13.78 -15.54
N ASP C 16 5.81 -14.48 -16.66
CA ASP C 16 6.62 -14.17 -17.83
C ASP C 16 5.76 -13.38 -18.82
N ILE C 17 6.10 -12.10 -18.99
CA ILE C 17 5.35 -11.24 -19.90
C ILE C 17 6.24 -10.66 -21.00
N GLU C 18 5.61 -9.94 -21.92
CA GLU C 18 6.31 -9.26 -23.00
C GLU C 18 6.17 -7.77 -22.69
N PRO C 19 7.26 -7.00 -22.76
CA PRO C 19 7.20 -5.56 -22.48
C PRO C 19 6.07 -4.82 -23.18
N THR C 20 5.65 -5.32 -24.34
CA THR C 20 4.55 -4.69 -25.08
C THR C 20 3.16 -5.18 -24.66
N ASP C 21 3.11 -5.97 -23.59
CA ASP C 21 1.85 -6.47 -23.05
C ASP C 21 1.14 -5.36 -22.27
N LYS C 22 -0.17 -5.24 -22.44
CA LYS C 22 -0.93 -4.25 -21.71
C LYS C 22 -1.02 -4.68 -20.25
N VAL C 23 -1.14 -3.71 -19.35
CA VAL C 23 -1.24 -3.99 -17.92
C VAL C 23 -2.44 -4.92 -17.64
N GLU C 24 -3.51 -4.73 -18.41
CA GLU C 24 -4.70 -5.55 -18.25
C GLU C 24 -4.36 -7.04 -18.44
N ARG C 25 -3.45 -7.33 -19.37
CA ARG C 25 -3.01 -8.70 -19.63
C ARG C 25 -2.26 -9.30 -18.43
N ILE C 26 -1.45 -8.47 -17.76
CA ILE C 26 -0.70 -8.92 -16.58
C ILE C 26 -1.72 -9.27 -15.49
N LYS C 27 -2.75 -8.44 -15.37
CA LYS C 27 -3.80 -8.66 -14.38
C LYS C 27 -4.59 -9.92 -14.68
N GLU C 28 -4.77 -10.23 -15.95
CA GLU C 28 -5.49 -11.43 -16.35
C GLU C 28 -4.65 -12.67 -16.03
N ARG C 29 -3.34 -12.53 -16.09
CA ARG C 29 -2.42 -13.62 -15.76
C ARG C 29 -2.50 -13.85 -14.25
N VAL C 30 -2.61 -12.76 -13.50
CA VAL C 30 -2.72 -12.82 -12.05
C VAL C 30 -4.05 -13.50 -11.69
N GLU C 31 -5.10 -13.18 -12.45
CA GLU C 31 -6.42 -13.76 -12.24
C GLU C 31 -6.40 -15.27 -12.50
N GLU C 32 -5.65 -15.68 -13.52
CA GLU C 32 -5.57 -17.10 -13.86
C GLU C 32 -4.84 -17.92 -12.80
N LYS C 33 -3.85 -17.31 -12.15
CA LYS C 33 -3.07 -18.00 -11.12
C LYS C 33 -3.61 -17.83 -9.70
N GLU C 34 -4.31 -16.72 -9.45
CA GLU C 34 -4.81 -16.42 -8.11
C GLU C 34 -6.31 -16.26 -7.93
N GLY C 35 -7.04 -16.13 -9.04
CA GLY C 35 -8.49 -15.98 -8.99
C GLY C 35 -8.98 -14.60 -8.58
N ILE C 36 -8.09 -13.61 -8.58
CA ILE C 36 -8.46 -12.24 -8.21
C ILE C 36 -8.86 -11.50 -9.50
N PRO C 37 -10.10 -10.97 -9.56
CA PRO C 37 -10.58 -10.25 -10.74
C PRO C 37 -9.67 -9.05 -11.07
N PRO C 38 -9.39 -8.79 -12.36
CA PRO C 38 -8.54 -7.66 -12.76
C PRO C 38 -9.03 -6.32 -12.20
N GLN C 39 -10.35 -6.13 -12.16
CA GLN C 39 -10.94 -4.89 -11.66
C GLN C 39 -10.66 -4.62 -10.19
N GLN C 40 -10.31 -5.67 -9.44
CA GLN C 40 -10.02 -5.55 -8.02
C GLN C 40 -8.52 -5.43 -7.75
N GLN C 41 -7.71 -5.54 -8.78
CA GLN C 41 -6.27 -5.45 -8.64
C GLN C 41 -5.68 -4.07 -8.89
N ARG C 42 -4.69 -3.71 -8.08
CA ARG C 42 -3.98 -2.45 -8.27
C ARG C 42 -2.51 -2.85 -8.31
N LEU C 43 -1.86 -2.62 -9.45
CA LEU C 43 -0.45 -2.96 -9.60
C LEU C 43 0.34 -1.67 -9.52
N ILE C 44 1.39 -1.69 -8.70
CA ILE C 44 2.23 -0.53 -8.48
C ILE C 44 3.71 -0.85 -8.75
N TYR C 45 4.34 -0.04 -9.60
CA TYR C 45 5.75 -0.22 -9.90
C TYR C 45 6.42 1.15 -9.79
N SER C 46 7.49 1.23 -8.99
CA SER C 46 8.20 2.50 -8.77
C SER C 46 7.23 3.55 -8.23
N GLY C 47 6.30 3.09 -7.41
CA GLY C 47 5.30 3.97 -6.82
C GLY C 47 4.17 4.39 -7.75
N LYS C 48 4.21 3.93 -9.00
CA LYS C 48 3.18 4.28 -9.98
C LYS C 48 2.06 3.25 -10.09
N GLN C 49 0.82 3.71 -9.94
CA GLN C 49 -0.35 2.84 -10.09
C GLN C 49 -0.50 2.64 -11.60
N MET C 50 -0.33 1.41 -12.04
CA MET C 50 -0.38 1.04 -13.45
C MET C 50 -1.76 1.02 -14.10
N ASN C 51 -1.87 1.77 -15.20
CA ASN C 51 -3.11 1.88 -15.97
C ASN C 51 -3.27 0.65 -16.86
N ASP C 52 -4.47 0.05 -16.84
CA ASP C 52 -4.76 -1.16 -17.61
C ASP C 52 -4.52 -1.07 -19.11
N GLU C 53 -4.68 0.11 -19.68
CA GLU C 53 -4.50 0.34 -21.11
C GLU C 53 -3.06 0.57 -21.56
N LYS C 54 -2.18 0.89 -20.62
CA LYS C 54 -0.79 1.09 -20.97
C LYS C 54 -0.07 -0.27 -20.94
N THR C 55 1.17 -0.30 -21.40
CA THR C 55 1.95 -1.52 -21.46
C THR C 55 3.03 -1.54 -20.38
N ALA C 56 3.62 -2.71 -20.15
CA ALA C 56 4.69 -2.84 -19.16
C ALA C 56 5.85 -1.91 -19.50
N ALA C 57 6.19 -1.84 -20.79
CA ALA C 57 7.28 -1.00 -21.29
C ALA C 57 7.09 0.47 -20.91
N ASP C 58 5.83 0.93 -20.93
CA ASP C 58 5.51 2.32 -20.58
C ASP C 58 5.93 2.68 -19.15
N TYR C 59 6.00 1.67 -18.29
CA TYR C 59 6.40 1.87 -16.90
C TYR C 59 7.84 1.48 -16.67
N LYS C 60 8.57 1.20 -17.75
CA LYS C 60 9.98 0.80 -17.69
C LYS C 60 10.21 -0.44 -16.83
N ILE C 61 9.28 -1.38 -16.91
CA ILE C 61 9.35 -2.63 -16.16
C ILE C 61 10.38 -3.52 -16.86
N LEU C 62 11.32 -4.07 -16.10
CA LEU C 62 12.39 -4.91 -16.65
C LEU C 62 12.37 -6.31 -16.05
N GLY C 63 13.32 -7.13 -16.47
CA GLY C 63 13.43 -8.48 -15.95
C GLY C 63 13.81 -8.38 -14.47
N GLY C 64 13.11 -9.12 -13.62
CA GLY C 64 13.40 -9.09 -12.20
C GLY C 64 12.63 -8.01 -11.45
N SER C 65 11.86 -7.21 -12.19
CA SER C 65 11.07 -6.13 -11.59
C SER C 65 10.00 -6.69 -10.67
N VAL C 66 9.79 -6.02 -9.55
CA VAL C 66 8.78 -6.42 -8.59
C VAL C 66 7.60 -5.46 -8.68
N LEU C 67 6.43 -5.98 -9.03
CA LEU C 67 5.21 -5.18 -9.10
C LEU C 67 4.45 -5.45 -7.81
N HIS C 68 4.02 -4.40 -7.12
CA HIS C 68 3.28 -4.59 -5.89
C HIS C 68 1.80 -4.71 -6.19
N LEU C 69 1.18 -5.76 -5.67
CA LEU C 69 -0.24 -6.00 -5.87
C LEU C 69 -1.00 -5.69 -4.60
N VAL C 70 -1.94 -4.76 -4.68
CA VAL C 70 -2.80 -4.37 -3.54
C VAL C 70 -4.26 -4.38 -3.99
N LEU C 71 -5.17 -4.63 -3.06
CA LEU C 71 -6.60 -4.64 -3.38
C LEU C 71 -7.14 -3.24 -3.63
N ALA C 72 -7.96 -3.11 -4.67
CA ALA C 72 -8.58 -1.85 -5.02
C ALA C 72 -10.04 -2.19 -5.25
N LEU C 73 -10.77 -2.39 -4.15
CA LEU C 73 -12.18 -2.75 -4.20
C LEU C 73 -13.07 -1.69 -4.83
N MET D 1 18.47 -4.60 17.28
CA MET D 1 18.40 -5.49 16.08
C MET D 1 18.11 -4.69 14.81
N LEU D 2 18.78 -5.07 13.72
CA LEU D 2 18.62 -4.40 12.43
C LEU D 2 17.33 -4.79 11.73
N ILE D 3 16.55 -3.76 11.39
CA ILE D 3 15.27 -3.94 10.70
C ILE D 3 15.32 -3.14 9.40
N LYS D 4 14.70 -3.70 8.36
CA LYS D 4 14.64 -3.02 7.06
C LYS D 4 13.33 -2.26 6.94
N VAL D 5 13.40 -1.01 6.47
CA VAL D 5 12.21 -0.18 6.28
C VAL D 5 12.21 0.22 4.81
N LYS D 6 11.17 -0.20 4.09
CA LYS D 6 11.08 0.14 2.67
C LYS D 6 9.73 0.68 2.26
N THR D 7 9.76 1.55 1.25
CA THR D 7 8.56 2.16 0.71
C THR D 7 8.15 1.40 -0.55
N LEU D 8 7.23 1.95 -1.32
CA LEU D 8 6.77 1.31 -2.55
C LEU D 8 7.69 1.61 -3.73
N THR D 9 8.60 2.56 -3.54
CA THR D 9 9.52 2.95 -4.60
C THR D 9 10.78 2.09 -4.64
N GLY D 10 10.83 1.09 -3.77
CA GLY D 10 11.99 0.20 -3.77
C GLY D 10 13.13 0.54 -2.83
N LYS D 11 13.47 1.82 -2.72
CA LYS D 11 14.56 2.23 -1.83
C LYS D 11 14.23 1.83 -0.39
N GLU D 12 15.25 1.43 0.35
CA GLU D 12 15.07 1.01 1.74
C GLU D 12 16.21 1.42 2.64
N ILE D 13 15.89 1.59 3.92
CA ILE D 13 16.88 1.96 4.91
C ILE D 13 16.95 0.87 5.97
N GLU D 14 18.00 0.92 6.78
CA GLU D 14 18.19 -0.07 7.83
C GLU D 14 18.30 0.66 9.16
N ILE D 15 17.48 0.25 10.12
CA ILE D 15 17.50 0.88 11.44
C ILE D 15 17.66 -0.14 12.57
N ASP D 16 18.46 0.24 13.56
CA ASP D 16 18.72 -0.61 14.72
C ASP D 16 17.68 -0.27 15.79
N ILE D 17 16.83 -1.25 16.12
CA ILE D 17 15.78 -1.04 17.12
C ILE D 17 15.87 -2.05 18.26
N GLU D 18 15.17 -1.76 19.35
CA GLU D 18 15.10 -2.63 20.52
C GLU D 18 13.74 -3.31 20.51
N PRO D 19 13.67 -4.59 20.94
CA PRO D 19 12.41 -5.35 20.98
C PRO D 19 11.35 -4.61 21.82
N THR D 20 11.83 -3.87 22.81
CA THR D 20 10.96 -3.11 23.68
C THR D 20 10.55 -1.74 23.12
N ASP D 21 11.09 -1.36 21.97
CA ASP D 21 10.73 -0.09 21.34
C ASP D 21 9.30 -0.06 20.88
N LYS D 22 8.58 1.00 21.26
CA LYS D 22 7.21 1.17 20.81
C LYS D 22 7.27 1.54 19.32
N VAL D 23 6.19 1.29 18.59
CA VAL D 23 6.14 1.63 17.17
C VAL D 23 6.37 3.13 16.98
N GLU D 24 5.91 3.93 17.94
CA GLU D 24 6.10 5.38 17.86
C GLU D 24 7.59 5.70 17.86
N ARG D 25 8.38 4.93 18.61
CA ARG D 25 9.83 5.11 18.67
C ARG D 25 10.49 4.76 17.33
N ILE D 26 10.01 3.69 16.70
CA ILE D 26 10.55 3.26 15.42
C ILE D 26 10.30 4.38 14.42
N LYS D 27 9.11 4.96 14.47
CA LYS D 27 8.74 6.06 13.59
C LYS D 27 9.63 7.28 13.86
N GLU D 28 10.01 7.47 15.13
CA GLU D 28 10.87 8.59 15.48
C GLU D 28 12.28 8.38 14.93
N ARG D 29 12.72 7.13 14.83
CA ARG D 29 14.05 6.83 14.27
C ARG D 29 14.00 7.13 12.78
N VAL D 30 12.89 6.81 12.14
CA VAL D 30 12.73 7.08 10.71
C VAL D 30 12.70 8.59 10.50
N GLU D 31 12.04 9.31 11.41
CA GLU D 31 11.94 10.78 11.34
C GLU D 31 13.30 11.46 11.48
N GLU D 32 14.12 11.01 12.42
CA GLU D 32 15.43 11.64 12.61
C GLU D 32 16.34 11.42 11.41
N LYS D 33 16.17 10.29 10.73
CA LYS D 33 16.97 9.99 9.56
C LYS D 33 16.43 10.61 8.26
N GLU D 34 15.12 10.47 8.03
CA GLU D 34 14.46 10.96 6.82
C GLU D 34 13.69 12.27 6.90
N GLY D 35 13.30 12.67 8.11
CA GLY D 35 12.56 13.91 8.26
C GLY D 35 11.05 13.77 8.06
N ILE D 36 10.57 12.54 7.94
CA ILE D 36 9.14 12.27 7.78
C ILE D 36 8.52 12.24 9.18
N PRO D 37 7.58 13.16 9.47
CA PRO D 37 6.95 13.17 10.81
C PRO D 37 6.29 11.82 11.10
N PRO D 38 6.42 11.31 12.34
CA PRO D 38 5.82 10.01 12.70
C PRO D 38 4.31 9.99 12.50
N GLN D 39 3.68 11.13 12.68
CA GLN D 39 2.24 11.29 12.50
C GLN D 39 1.85 10.99 11.05
N GLN D 40 2.79 11.18 10.13
CA GLN D 40 2.55 10.95 8.71
C GLN D 40 2.94 9.55 8.26
N GLN D 41 3.51 8.76 9.17
CA GLN D 41 3.94 7.41 8.85
C GLN D 41 2.97 6.29 9.20
N ARG D 42 2.92 5.29 8.34
CA ARG D 42 2.12 4.09 8.56
C ARG D 42 3.07 2.93 8.31
N LEU D 43 3.33 2.14 9.34
CA LEU D 43 4.23 0.99 9.23
C LEU D 43 3.39 -0.28 9.19
N ILE D 44 3.73 -1.16 8.26
CA ILE D 44 3.00 -2.40 8.08
C ILE D 44 3.97 -3.58 8.13
N TYR D 45 3.64 -4.55 9.00
CA TYR D 45 4.44 -5.75 9.16
C TYR D 45 3.53 -6.98 9.11
N SER D 46 3.85 -7.93 8.24
CA SER D 46 3.05 -9.13 8.11
C SER D 46 1.62 -8.79 7.72
N GLY D 47 1.47 -7.70 6.98
CA GLY D 47 0.16 -7.24 6.55
C GLY D 47 -0.59 -6.48 7.62
N LYS D 48 0.00 -6.39 8.81
CA LYS D 48 -0.62 -5.70 9.95
C LYS D 48 -0.20 -4.25 10.07
N GLN D 49 -1.18 -3.37 10.25
CA GLN D 49 -0.94 -1.95 10.43
C GLN D 49 -0.50 -1.81 11.89
N MET D 50 0.75 -1.40 12.08
CA MET D 50 1.32 -1.29 13.40
C MET D 50 0.82 -0.12 14.26
N ASN D 51 0.37 -0.45 15.45
CA ASN D 51 -0.15 0.51 16.42
C ASN D 51 1.00 1.22 17.14
N ASP D 52 0.91 2.55 17.22
CA ASP D 52 1.92 3.37 17.86
C ASP D 52 2.27 3.01 19.32
N GLU D 53 1.25 2.65 20.09
CA GLU D 53 1.43 2.30 21.50
C GLU D 53 1.98 0.90 21.76
N LYS D 54 1.95 0.04 20.75
CA LYS D 54 2.45 -1.32 20.89
C LYS D 54 3.93 -1.36 20.54
N THR D 55 4.60 -2.47 20.89
CA THR D 55 6.04 -2.58 20.64
C THR D 55 6.42 -3.55 19.53
N ALA D 56 7.71 -3.58 19.21
CA ALA D 56 8.24 -4.48 18.20
C ALA D 56 8.01 -5.93 18.65
N ALA D 57 8.16 -6.18 19.97
CA ALA D 57 7.96 -7.51 20.55
C ALA D 57 6.50 -7.94 20.44
N ASP D 58 5.59 -6.98 20.62
CA ASP D 58 4.17 -7.26 20.52
C ASP D 58 3.85 -7.77 19.12
N TYR D 59 4.57 -7.27 18.12
CA TYR D 59 4.38 -7.69 16.74
C TYR D 59 5.29 -8.81 16.27
N LYS D 60 6.08 -9.37 17.20
CA LYS D 60 7.01 -10.47 16.91
C LYS D 60 7.98 -10.15 15.77
N ILE D 61 8.46 -8.90 15.73
CA ILE D 61 9.42 -8.45 14.73
C ILE D 61 10.79 -8.95 15.16
N LEU D 62 11.57 -9.49 14.22
CA LEU D 62 12.90 -10.00 14.52
C LEU D 62 13.96 -9.29 13.69
N GLY D 63 15.23 -9.59 13.94
CA GLY D 63 16.30 -8.99 13.16
C GLY D 63 16.12 -9.47 11.73
N GLY D 64 16.17 -8.55 10.77
CA GLY D 64 16.01 -8.93 9.37
C GLY D 64 14.59 -8.78 8.84
N SER D 65 13.64 -8.49 9.73
CA SER D 65 12.24 -8.30 9.33
C SER D 65 12.12 -7.05 8.46
N VAL D 66 11.15 -7.09 7.55
CA VAL D 66 10.90 -5.98 6.65
C VAL D 66 9.59 -5.28 7.01
N LEU D 67 9.67 -3.98 7.26
CA LEU D 67 8.51 -3.18 7.58
C LEU D 67 8.25 -2.28 6.37
N HIS D 68 7.00 -2.21 5.94
CA HIS D 68 6.66 -1.36 4.81
C HIS D 68 6.16 -0.03 5.34
N LEU D 69 6.70 1.05 4.79
CA LEU D 69 6.32 2.38 5.19
C LEU D 69 5.50 3.03 4.07
N VAL D 70 4.30 3.47 4.40
CA VAL D 70 3.45 4.17 3.44
C VAL D 70 2.92 5.42 4.13
N LEU D 71 2.62 6.44 3.33
CA LEU D 71 2.10 7.68 3.87
C LEU D 71 0.71 7.49 4.43
N ALA D 72 0.43 8.18 5.53
CA ALA D 72 -0.87 8.14 6.20
C ALA D 72 -0.98 9.54 6.78
N LEU D 73 -1.37 10.48 5.92
CA LEU D 73 -1.50 11.89 6.28
C LEU D 73 -2.45 12.21 7.43
CL CL E . 3.76 6.23 0.18
CL CL F . -4.03 -5.91 -0.27
S SO4 G . -2.79 7.37 -15.87
O1 SO4 G . -3.98 7.85 -16.54
O2 SO4 G . -3.05 6.00 -15.29
O3 SO4 G . -1.56 7.29 -16.80
O4 SO4 G . -2.39 8.37 -14.78
S SO4 H . -6.19 1.15 -10.86
O1 SO4 H . -5.93 2.36 -11.64
O2 SO4 H . -7.45 1.31 -10.05
O3 SO4 H . -6.31 -0.12 -11.74
O4 SO4 H . -4.97 0.87 -9.96
S SO4 I . 10.08 8.19 -15.32
O1 SO4 I . 10.16 7.73 -16.70
O2 SO4 I . 8.66 8.56 -15.00
O3 SO4 I . 10.56 7.14 -14.29
O4 SO4 I . 11.04 9.37 -15.13
S SO4 J . -1.38 4.32 11.76
O1 SO4 J . -0.86 3.39 10.76
O2 SO4 J . -2.38 5.25 11.10
O3 SO4 J . -2.05 3.62 12.96
O4 SO4 J . -0.21 5.11 12.37
#